data_5VTG
#
_entry.id   5VTG
#
_cell.length_a   57.240
_cell.length_b   57.240
_cell.length_c   220.710
_cell.angle_alpha   90.00
_cell.angle_beta   90.00
_cell.angle_gamma   120.00
#
_symmetry.space_group_name_H-M   'P 32 2 1'
#
loop_
_entity.id
_entity.type
_entity.pdbx_description
1 polymer 'Translocation and assembly module subunit TamB'
2 water water
#
_entity_poly.entity_id   1
_entity_poly.type   'polypeptide(L)'
_entity_poly.pdbx_seq_one_letter_code
;MDVSPDVVFEATPNLFTLDGRVDVPWARIVVHDLPESAVGVSSDVVMLNDNLQPEEPKTASIPINSNLIVHVGNNVRIDA
FGLKARLTGDLNVVQDKQGLGLNGQINIPEGRFHAYGQDLIVRKGELLFSGPPDQPYLNIEAIRNPDATEDDVIAGVRVT
GLADEPKAEIFSDPAMLEHHHHHH
;
_entity_poly.pdbx_strand_id   A,B
#
# COMPACT_ATOMS: atom_id res chain seq x y z
N PRO A 13 -25.85 -7.15 1.74
CA PRO A 13 -24.56 -7.12 1.03
C PRO A 13 -24.10 -5.68 0.73
N ASN A 14 -22.97 -5.27 1.31
CA ASN A 14 -22.55 -3.88 1.22
C ASN A 14 -21.24 -3.75 0.44
N LEU A 15 -21.13 -2.65 -0.32
CA LEU A 15 -19.99 -2.38 -1.18
C LEU A 15 -18.96 -1.51 -0.47
N PHE A 16 -17.72 -1.97 -0.47
N PHE A 16 -17.69 -1.93 -0.54
CA PHE A 16 -16.59 -1.15 -0.04
CA PHE A 16 -16.55 -1.17 -0.01
C PHE A 16 -15.89 -0.62 -1.28
C PHE A 16 -15.70 -0.66 -1.16
N THR A 17 -15.52 0.67 -1.26
CA THR A 17 -14.71 1.23 -2.33
C THR A 17 -13.52 1.96 -1.74
N LEU A 18 -12.40 1.91 -2.45
CA LEU A 18 -11.19 2.56 -1.97
C LEU A 18 -10.48 3.16 -3.17
N ASP A 19 -10.38 4.48 -3.23
CA ASP A 19 -9.55 5.16 -4.21
C ASP A 19 -8.45 5.91 -3.48
N GLY A 20 -7.29 6.01 -4.11
CA GLY A 20 -6.28 6.88 -3.55
C GLY A 20 -4.92 6.64 -4.16
N ARG A 21 -3.95 7.30 -3.53
CA ARG A 21 -2.57 7.35 -3.97
C ARG A 21 -1.73 6.88 -2.81
N VAL A 22 -0.76 6.03 -3.11
CA VAL A 22 0.13 5.43 -2.13
C VAL A 22 1.53 5.68 -2.63
N ASP A 23 2.40 6.22 -1.76
CA ASP A 23 3.81 6.46 -2.06
C ASP A 23 4.63 5.51 -1.23
N VAL A 24 5.63 4.88 -1.83
CA VAL A 24 6.42 3.90 -1.09
C VAL A 24 7.85 4.39 -1.16
N PRO A 25 8.27 5.29 -0.28
CA PRO A 25 9.64 5.79 -0.35
C PRO A 25 10.67 4.75 0.05
N TRP A 26 10.29 3.78 0.90
CA TRP A 26 11.21 2.76 1.37
C TRP A 26 10.52 1.42 1.36
N ALA A 27 11.23 0.40 0.88
CA ALA A 27 10.70 -0.94 1.00
C ALA A 27 11.81 -1.94 0.82
N ARG A 28 11.63 -3.11 1.41
CA ARG A 28 12.48 -4.22 1.08
C ARG A 28 11.59 -5.42 0.83
N ILE A 29 11.73 -6.01 -0.36
CA ILE A 29 10.95 -7.17 -0.75
C ILE A 29 11.90 -8.34 -0.79
N VAL A 30 11.65 -9.34 0.03
CA VAL A 30 12.48 -10.54 0.04
C VAL A 30 11.62 -11.75 -0.32
N VAL A 31 12.15 -12.61 -1.18
CA VAL A 31 11.57 -13.91 -1.48
C VAL A 31 12.54 -14.97 -1.03
N HIS A 32 12.11 -15.83 -0.11
CA HIS A 32 12.94 -16.91 0.42
C HIS A 32 12.59 -18.19 -0.33
N ASP A 33 13.61 -18.94 -0.74
CA ASP A 33 13.40 -20.23 -1.38
C ASP A 33 12.46 -20.12 -2.60
N PRO A 63 -17.29 -8.12 -1.44
CA PRO A 63 -17.39 -7.22 -2.58
C PRO A 63 -16.64 -5.90 -2.33
N ILE A 64 -15.53 -5.70 -3.04
CA ILE A 64 -14.64 -4.56 -2.82
C ILE A 64 -14.12 -4.06 -4.15
N ASN A 65 -14.26 -2.76 -4.39
CA ASN A 65 -13.75 -2.10 -5.59
C ASN A 65 -12.69 -1.07 -5.18
N SER A 66 -11.50 -1.17 -5.75
CA SER A 66 -10.47 -0.19 -5.44
C SER A 66 -9.74 0.22 -6.69
N ASN A 67 -9.20 1.41 -6.62
CA ASN A 67 -8.37 1.94 -7.69
C ASN A 67 -7.27 2.70 -6.98
N LEU A 68 -6.06 2.16 -6.98
CA LEU A 68 -4.94 2.77 -6.28
C LEU A 68 -3.82 3.11 -7.25
N ILE A 69 -3.26 4.30 -7.08
CA ILE A 69 -2.01 4.65 -7.76
C ILE A 69 -0.87 4.42 -6.77
N VAL A 70 0.07 3.55 -7.11
CA VAL A 70 1.20 3.26 -6.24
C VAL A 70 2.45 3.81 -6.89
N HIS A 71 3.13 4.70 -6.16
CA HIS A 71 4.36 5.31 -6.65
C HIS A 71 5.50 4.65 -5.90
N VAL A 72 6.40 4.03 -6.64
CA VAL A 72 7.50 3.28 -6.06
C VAL A 72 8.67 4.25 -6.04
N GLY A 73 9.09 4.65 -4.83
CA GLY A 73 10.03 5.74 -4.62
C GLY A 73 11.50 5.30 -4.66
N ASN A 74 12.34 6.04 -3.92
CA ASN A 74 13.77 6.00 -4.18
C ASN A 74 14.55 4.96 -3.38
N ASN A 75 13.96 4.27 -2.39
CA ASN A 75 14.69 3.27 -1.61
C ASN A 75 13.90 1.98 -1.48
N VAL A 76 13.49 1.48 -2.64
CA VAL A 76 12.76 0.23 -2.75
C VAL A 76 13.68 -0.80 -3.38
N ARG A 77 13.93 -1.89 -2.66
CA ARG A 77 14.89 -2.90 -3.10
C ARG A 77 14.25 -4.28 -3.00
N ILE A 78 14.73 -5.17 -3.84
CA ILE A 78 14.26 -6.53 -3.87
C ILE A 78 15.44 -7.47 -3.72
N ASP A 79 15.19 -8.58 -3.06
CA ASP A 79 16.18 -9.64 -2.85
C ASP A 79 15.45 -10.96 -3.09
N ALA A 80 15.70 -11.59 -4.23
CA ALA A 80 14.90 -12.73 -4.65
C ALA A 80 15.56 -13.51 -5.79
N PHE A 81 15.81 -14.81 -5.60
CA PHE A 81 16.26 -15.71 -6.68
C PHE A 81 17.57 -15.24 -7.30
N GLY A 82 18.49 -14.79 -6.45
CA GLY A 82 19.74 -14.27 -6.93
C GLY A 82 19.71 -12.83 -7.37
N LEU A 83 18.53 -12.21 -7.49
CA LEU A 83 18.45 -10.82 -7.94
C LEU A 83 18.49 -9.89 -6.73
N LYS A 84 19.46 -8.98 -6.73
CA LYS A 84 19.49 -7.87 -5.78
C LYS A 84 19.40 -6.59 -6.60
N ALA A 85 18.33 -5.84 -6.41
CA ALA A 85 18.04 -4.75 -7.31
C ALA A 85 17.26 -3.68 -6.58
N ARG A 86 17.44 -2.46 -7.04
CA ARG A 86 16.60 -1.35 -6.64
C ARG A 86 15.57 -1.11 -7.75
N LEU A 87 14.32 -0.84 -7.34
CA LEU A 87 13.18 -0.68 -8.25
C LEU A 87 12.54 0.69 -8.09
N THR A 88 12.03 1.24 -9.20
CA THR A 88 11.30 2.50 -9.15
C THR A 88 10.21 2.43 -10.20
N GLY A 89 9.22 3.35 -10.11
CA GLY A 89 8.20 3.40 -11.14
C GLY A 89 6.83 3.66 -10.50
N ASP A 90 5.78 3.39 -11.28
CA ASP A 90 4.40 3.72 -10.91
C ASP A 90 3.48 2.61 -11.39
N LEU A 91 2.57 2.18 -10.53
CA LEU A 91 1.66 1.08 -10.84
C LEU A 91 0.25 1.52 -10.49
N ASN A 92 -0.72 1.29 -11.39
CA ASN A 92 -2.13 1.48 -11.09
C ASN A 92 -2.72 0.10 -10.80
N VAL A 93 -3.18 -0.11 -9.56
CA VAL A 93 -3.82 -1.36 -9.15
C VAL A 93 -5.32 -1.14 -9.11
N VAL A 94 -6.07 -1.84 -9.96
N VAL A 94 -6.08 -1.92 -9.88
CA VAL A 94 -7.51 -1.77 -9.95
CA VAL A 94 -7.52 -1.76 -9.95
C VAL A 94 -8.04 -3.13 -9.50
C VAL A 94 -8.18 -3.11 -9.70
N GLN A 95 -9.20 -3.11 -8.86
CA GLN A 95 -9.79 -4.35 -8.40
C GLN A 95 -11.30 -4.19 -8.36
N ASP A 96 -12.01 -5.14 -8.95
CA ASP A 96 -13.46 -5.10 -8.84
C ASP A 96 -13.97 -6.56 -8.86
N LYS A 97 -15.26 -6.76 -9.11
CA LYS A 97 -15.81 -8.10 -9.03
C LYS A 97 -15.17 -9.03 -10.04
N GLN A 98 -14.73 -8.51 -11.19
CA GLN A 98 -14.13 -9.37 -12.19
C GLN A 98 -12.73 -9.79 -11.79
N GLY A 99 -12.00 -8.95 -11.07
CA GLY A 99 -10.66 -9.34 -10.73
C GLY A 99 -9.73 -8.15 -10.58
N LEU A 100 -8.44 -8.45 -10.62
CA LEU A 100 -7.41 -7.47 -10.41
C LEU A 100 -6.74 -7.14 -11.73
N GLY A 101 -6.47 -5.86 -11.94
CA GLY A 101 -5.68 -5.41 -13.08
C GLY A 101 -4.51 -4.58 -12.60
N LEU A 102 -3.37 -4.70 -13.30
CA LEU A 102 -2.18 -3.96 -12.94
C LEU A 102 -1.60 -3.30 -14.18
N ASN A 103 -1.42 -1.98 -14.15
CA ASN A 103 -0.87 -1.26 -15.28
C ASN A 103 0.23 -0.33 -14.80
N GLY A 104 1.30 -0.24 -15.57
CA GLY A 104 2.35 0.70 -15.27
C GLY A 104 3.69 0.11 -15.65
N GLN A 105 4.72 0.69 -15.08
CA GLN A 105 6.10 0.39 -15.45
C GLN A 105 6.95 0.38 -14.19
N ILE A 106 7.79 -0.62 -14.05
CA ILE A 106 8.80 -0.69 -13.01
C ILE A 106 10.15 -0.67 -13.69
N ASN A 107 11.05 0.17 -13.20
CA ASN A 107 12.40 0.29 -13.74
C ASN A 107 13.39 -0.26 -12.73
N ILE A 108 14.50 -0.77 -13.24
CA ILE A 108 15.56 -1.32 -12.39
C ILE A 108 16.76 -0.41 -12.58
N PRO A 109 16.85 0.71 -11.85
CA PRO A 109 18.02 1.61 -12.05
C PRO A 109 19.35 0.98 -11.63
N GLU A 110 19.33 0.01 -10.71
CA GLU A 110 20.58 -0.67 -10.41
C GLU A 110 20.24 -2.05 -9.87
N GLY A 111 21.10 -3.01 -10.20
CA GLY A 111 20.89 -4.37 -9.72
C GLY A 111 21.98 -5.30 -10.19
N ARG A 112 22.00 -6.47 -9.57
N ARG A 112 22.01 -6.45 -9.56
CA ARG A 112 23.01 -7.49 -9.81
CA ARG A 112 22.92 -7.50 -9.96
C ARG A 112 22.39 -8.86 -9.59
C ARG A 112 22.18 -8.80 -9.84
N PHE A 113 22.72 -9.81 -10.48
CA PHE A 113 22.01 -11.06 -10.60
C PHE A 113 23.04 -12.16 -10.50
N HIS A 114 22.78 -13.13 -9.65
CA HIS A 114 23.69 -14.25 -9.45
C HIS A 114 23.19 -15.43 -10.24
N ALA A 115 23.94 -15.84 -11.26
CA ALA A 115 23.56 -16.93 -12.13
C ALA A 115 24.79 -17.80 -12.31
N TYR A 116 24.61 -19.12 -12.18
CA TYR A 116 25.73 -20.04 -12.29
C TYR A 116 26.80 -19.60 -11.30
N GLY A 117 28.07 -19.70 -11.66
CA GLY A 117 29.06 -19.20 -10.73
C GLY A 117 29.36 -17.75 -10.89
N GLN A 118 28.67 -17.08 -11.81
CA GLN A 118 28.99 -15.74 -12.25
C GLN A 118 27.95 -14.71 -11.80
N ASP A 119 28.40 -13.46 -11.85
CA ASP A 119 27.64 -12.30 -11.46
C ASP A 119 27.50 -11.40 -12.67
N LEU A 120 26.30 -10.86 -12.83
CA LEU A 120 25.94 -9.97 -13.93
C LEU A 120 25.42 -8.68 -13.35
N ILE A 121 25.80 -7.57 -13.93
CA ILE A 121 25.37 -6.27 -13.45
C ILE A 121 24.29 -5.77 -14.37
N VAL A 122 23.17 -5.37 -13.79
CA VAL A 122 22.04 -4.89 -14.59
C VAL A 122 22.40 -3.54 -15.19
N ARG A 123 22.36 -3.44 -16.50
CA ARG A 123 22.60 -2.17 -17.18
C ARG A 123 21.33 -1.43 -17.52
N LYS A 124 20.26 -2.15 -17.82
CA LYS A 124 18.97 -1.57 -18.17
C LYS A 124 17.91 -2.56 -17.75
N GLY A 125 16.79 -2.05 -17.24
CA GLY A 125 15.76 -2.97 -16.79
C GLY A 125 14.40 -2.30 -16.74
N GLU A 126 13.43 -2.89 -17.44
CA GLU A 126 12.07 -2.38 -17.46
C GLU A 126 11.09 -3.54 -17.44
N LEU A 127 10.07 -3.44 -16.61
CA LEU A 127 8.93 -4.34 -16.62
C LEU A 127 7.69 -3.51 -16.86
N LEU A 128 6.93 -3.92 -17.88
CA LEU A 128 5.74 -3.19 -18.31
C LEU A 128 4.52 -4.04 -17.96
N PHE A 129 3.63 -3.49 -17.12
CA PHE A 129 2.40 -4.18 -16.77
C PHE A 129 1.27 -3.60 -17.62
N SER A 130 0.50 -4.48 -18.26
N SER A 130 0.50 -4.47 -18.26
CA SER A 130 -0.56 -4.11 -19.20
CA SER A 130 -0.57 -4.06 -19.17
C SER A 130 -1.89 -4.79 -18.86
C SER A 130 -1.88 -4.81 -18.86
N GLY A 131 -2.09 -5.14 -17.59
CA GLY A 131 -3.34 -5.75 -17.16
C GLY A 131 -3.07 -6.95 -16.28
N PRO A 132 -2.66 -8.06 -16.90
CA PRO A 132 -2.39 -9.28 -16.14
C PRO A 132 -1.25 -9.05 -15.17
N PRO A 133 -1.50 -9.15 -13.87
CA PRO A 133 -0.45 -8.75 -12.91
C PRO A 133 0.75 -9.67 -12.90
N ASP A 134 0.58 -10.94 -13.25
CA ASP A 134 1.70 -11.87 -13.16
C ASP A 134 2.38 -12.08 -14.49
N GLN A 135 2.19 -11.17 -15.44
CA GLN A 135 2.75 -11.38 -16.77
C GLN A 135 3.21 -10.07 -17.38
N PRO A 136 4.17 -9.41 -16.76
CA PRO A 136 4.72 -8.21 -17.37
C PRO A 136 5.57 -8.55 -18.59
N TYR A 137 5.76 -7.53 -19.42
CA TYR A 137 6.68 -7.55 -20.54
C TYR A 137 8.06 -7.13 -20.02
N LEU A 138 9.08 -7.92 -20.34
CA LEU A 138 10.42 -7.71 -19.80
C LEU A 138 11.31 -7.05 -20.83
N ASN A 139 12.20 -6.19 -20.36
CA ASN A 139 13.31 -5.81 -21.22
C ASN A 139 14.46 -5.45 -20.29
N ILE A 140 15.38 -6.41 -20.15
CA ILE A 140 16.42 -6.37 -19.13
C ILE A 140 17.75 -6.72 -19.80
N GLU A 141 18.78 -5.94 -19.50
CA GLU A 141 20.11 -6.19 -20.04
C GLU A 141 21.07 -6.21 -18.87
N ALA A 142 21.98 -7.17 -18.88
CA ALA A 142 22.93 -7.34 -17.79
C ALA A 142 24.26 -7.72 -18.41
N ILE A 143 25.36 -7.28 -17.80
CA ILE A 143 26.67 -7.42 -18.41
C ILE A 143 27.66 -7.93 -17.38
N ARG A 144 28.74 -8.55 -17.89
CA ARG A 144 29.87 -9.03 -17.10
C ARG A 144 31.14 -8.86 -17.97
N ASN A 145 32.31 -8.90 -17.33
CA ASN A 145 33.53 -8.82 -18.12
C ASN A 145 34.17 -10.19 -18.35
N PRO A 146 34.20 -10.68 -19.62
CA PRO A 146 34.87 -11.93 -19.98
C PRO A 146 36.32 -11.82 -20.48
N ASP A 147 36.94 -10.64 -20.46
CA ASP A 147 38.19 -10.43 -21.21
C ASP A 147 39.45 -10.88 -20.48
N ALA A 148 39.36 -11.36 -19.24
CA ALA A 148 40.56 -11.79 -18.54
C ALA A 148 41.19 -13.03 -19.16
N THR A 149 40.33 -13.91 -19.67
CA THR A 149 40.77 -15.15 -20.25
C THR A 149 40.25 -15.34 -21.68
N GLU A 150 41.06 -16.01 -22.50
CA GLU A 150 40.73 -16.22 -23.90
C GLU A 150 39.44 -17.03 -24.06
N ASP A 151 39.25 -18.04 -23.24
CA ASP A 151 38.05 -18.84 -23.28
C ASP A 151 36.75 -18.10 -22.89
N ASP A 152 36.79 -17.28 -21.83
CA ASP A 152 35.60 -16.59 -21.34
C ASP A 152 35.00 -15.75 -22.46
N VAL A 153 33.75 -16.03 -22.82
CA VAL A 153 33.11 -15.40 -23.96
C VAL A 153 31.95 -14.48 -23.58
N ILE A 154 31.15 -14.84 -22.57
CA ILE A 154 29.89 -14.12 -22.37
C ILE A 154 30.10 -12.73 -21.77
N ALA A 155 29.66 -11.71 -22.50
CA ALA A 155 29.74 -10.32 -22.05
C ALA A 155 28.40 -9.77 -21.59
N GLY A 156 27.30 -10.33 -22.05
CA GLY A 156 26.03 -9.78 -21.64
C GLY A 156 24.88 -10.72 -21.92
N VAL A 157 23.76 -10.41 -21.29
CA VAL A 157 22.53 -11.15 -21.51
C VAL A 157 21.43 -10.12 -21.66
N ARG A 158 20.49 -10.40 -22.55
CA ARG A 158 19.33 -9.53 -22.65
C ARG A 158 18.11 -10.43 -22.65
N VAL A 159 17.15 -10.15 -21.77
CA VAL A 159 15.91 -10.91 -21.65
C VAL A 159 14.76 -10.00 -22.08
N THR A 160 13.95 -10.47 -23.03
CA THR A 160 12.82 -9.69 -23.53
C THR A 160 11.60 -10.58 -23.66
N GLY A 161 10.43 -9.94 -23.62
CA GLY A 161 9.17 -10.60 -23.89
C GLY A 161 8.34 -10.76 -22.62
N LEU A 162 7.16 -11.33 -22.84
CA LEU A 162 6.27 -11.62 -21.71
C LEU A 162 6.97 -12.55 -20.73
N ALA A 163 6.74 -12.29 -19.43
CA ALA A 163 7.53 -12.90 -18.38
C ALA A 163 7.41 -14.43 -18.36
N ASP A 164 6.35 -14.99 -18.91
CA ASP A 164 6.26 -16.44 -18.89
C ASP A 164 6.78 -17.09 -20.16
N GLU A 165 7.09 -16.33 -21.17
CA GLU A 165 7.67 -16.95 -22.37
C GLU A 165 8.81 -16.08 -22.89
N PRO A 166 9.79 -15.75 -22.06
CA PRO A 166 10.77 -14.75 -22.47
C PRO A 166 11.80 -15.38 -23.39
N LYS A 167 12.57 -14.50 -24.02
CA LYS A 167 13.67 -14.89 -24.88
C LYS A 167 14.94 -14.37 -24.23
N ALA A 168 16.00 -15.14 -24.31
CA ALA A 168 17.25 -14.71 -23.72
C ALA A 168 18.26 -14.70 -24.85
N GLU A 169 18.97 -13.61 -24.96
CA GLU A 169 20.03 -13.47 -25.94
C GLU A 169 21.32 -13.38 -25.15
N ILE A 170 22.31 -14.17 -25.54
CA ILE A 170 23.58 -14.20 -24.87
C ILE A 170 24.62 -13.70 -25.85
N PHE A 171 25.33 -12.63 -25.49
CA PHE A 171 26.26 -11.93 -26.35
C PHE A 171 27.69 -12.08 -25.88
N SER A 172 28.62 -12.11 -26.82
CA SER A 172 30.03 -12.07 -26.50
C SER A 172 30.60 -10.66 -26.60
N ASP A 173 29.94 -9.78 -27.32
CA ASP A 173 30.26 -8.37 -27.35
C ASP A 173 29.43 -7.63 -26.30
N PRO A 174 30.03 -6.83 -25.42
CA PRO A 174 29.23 -6.12 -24.40
C PRO A 174 28.21 -5.17 -25.00
N ALA A 175 28.30 -4.89 -26.31
CA ALA A 175 27.57 -3.78 -26.91
C ALA A 175 26.07 -4.05 -26.95
N MET A 176 25.68 -5.20 -27.48
CA MET A 176 24.28 -5.51 -27.78
C MET A 176 23.74 -4.59 -28.87
N LEU A 177 24.39 -4.62 -30.03
CA LEU A 177 23.96 -3.91 -31.22
C LEU A 177 24.82 -4.39 -32.39
N LEU B 15 8.77 -18.27 1.25
CA LEU B 15 7.68 -17.34 1.54
C LEU B 15 8.15 -15.89 1.25
N PHE B 16 7.21 -14.99 0.94
CA PHE B 16 7.50 -13.60 0.60
C PHE B 16 7.29 -12.67 1.80
N THR B 17 8.21 -11.72 2.00
CA THR B 17 8.08 -10.69 3.04
C THR B 17 8.24 -9.29 2.45
N LEU B 18 7.55 -8.34 3.06
CA LEU B 18 7.54 -6.97 2.57
C LEU B 18 7.65 -6.06 3.79
N ASP B 19 8.73 -5.31 3.88
CA ASP B 19 8.91 -4.32 4.94
C ASP B 19 9.04 -2.94 4.34
N GLY B 20 8.67 -1.90 5.07
CA GLY B 20 8.83 -0.58 4.53
C GLY B 20 7.99 0.53 5.12
N ARG B 21 8.04 1.65 4.43
CA ARG B 21 7.31 2.84 4.81
C ARG B 21 6.38 3.23 3.67
N VAL B 22 5.14 3.49 3.99
CA VAL B 22 4.15 3.84 2.99
C VAL B 22 3.45 5.12 3.41
N ASP B 23 3.34 6.05 2.49
CA ASP B 23 2.61 7.29 2.74
C ASP B 23 1.35 7.27 1.91
N VAL B 24 0.25 7.74 2.51
CA VAL B 24 -1.03 7.78 1.82
C VAL B 24 -1.45 9.24 1.80
N PRO B 25 -1.00 10.01 0.81
CA PRO B 25 -1.35 11.43 0.79
C PRO B 25 -2.83 11.68 0.54
N TRP B 26 -3.50 10.81 -0.20
CA TRP B 26 -4.93 11.03 -0.40
C TRP B 26 -5.62 9.70 -0.60
N ALA B 27 -6.84 9.60 -0.05
CA ALA B 27 -7.65 8.40 -0.28
C ALA B 27 -9.11 8.75 0.00
N ARG B 28 -10.00 7.96 -0.59
CA ARG B 28 -11.43 8.02 -0.29
C ARG B 28 -11.91 6.60 -0.01
N ILE B 29 -12.44 6.39 1.18
CA ILE B 29 -13.00 5.12 1.60
C ILE B 29 -14.48 5.33 1.78
N VAL B 30 -15.30 4.57 1.04
CA VAL B 30 -16.75 4.63 1.13
C VAL B 30 -17.27 3.23 1.41
N VAL B 31 -18.24 3.12 2.31
CA VAL B 31 -18.99 1.89 2.51
C VAL B 31 -20.43 2.20 2.12
N HIS B 32 -20.93 1.53 1.08
CA HIS B 32 -22.30 1.76 0.61
C HIS B 32 -23.23 0.69 1.15
N ASP B 33 -24.38 1.12 1.66
CA ASP B 33 -25.42 0.17 2.09
C ASP B 33 -26.23 -0.34 0.89
N LEU B 34 -26.98 0.54 0.25
CA LEU B 34 -27.79 0.23 -0.94
C LEU B 34 -28.91 -0.76 -0.63
N ILE B 64 2.66 -11.79 1.98
CA ILE B 64 2.43 -12.68 3.10
C ILE B 64 2.92 -12.03 4.42
N ASN B 65 4.21 -11.83 4.62
CA ASN B 65 4.71 -11.27 5.88
C ASN B 65 5.19 -9.83 5.72
N SER B 66 4.87 -8.98 6.70
CA SER B 66 5.17 -7.57 6.61
C SER B 66 5.57 -6.93 7.93
N ASN B 67 6.27 -5.81 7.79
CA ASN B 67 6.41 -4.78 8.82
C ASN B 67 6.38 -3.47 8.06
N LEU B 68 5.26 -2.76 8.13
CA LEU B 68 5.09 -1.52 7.41
C LEU B 68 4.83 -0.39 8.41
N ILE B 69 5.43 0.78 8.20
CA ILE B 69 4.97 2.00 8.85
C ILE B 69 4.10 2.75 7.85
N VAL B 70 2.85 3.00 8.18
CA VAL B 70 1.92 3.62 7.26
C VAL B 70 1.60 5.02 7.79
N HIS B 71 1.85 6.04 6.98
CA HIS B 71 1.57 7.40 7.36
C HIS B 71 0.30 7.87 6.63
N VAL B 72 -0.71 8.29 7.39
CA VAL B 72 -1.97 8.70 6.79
C VAL B 72 -1.88 10.21 6.57
N GLY B 73 -1.94 10.64 5.32
CA GLY B 73 -1.64 12.02 4.95
C GLY B 73 -2.79 12.99 5.08
N ASN B 74 -2.73 14.07 4.28
CA ASN B 74 -3.55 15.25 4.55
C ASN B 74 -4.89 15.25 3.84
N ASN B 75 -5.18 14.31 2.93
CA ASN B 75 -6.48 14.30 2.29
C ASN B 75 -7.05 12.88 2.24
N VAL B 76 -7.14 12.24 3.41
CA VAL B 76 -7.69 10.90 3.53
C VAL B 76 -9.07 11.01 4.18
N ARG B 77 -10.12 10.61 3.45
CA ARG B 77 -11.46 10.78 3.98
C ARG B 77 -12.18 9.45 3.92
N ILE B 78 -13.10 9.27 4.85
CA ILE B 78 -13.92 8.09 4.96
C ILE B 78 -15.39 8.49 5.00
N ASP B 79 -16.25 7.66 4.38
CA ASP B 79 -17.70 7.86 4.40
C ASP B 79 -18.26 6.47 4.68
N ALA B 80 -18.65 6.22 5.93
CA ALA B 80 -18.96 4.86 6.38
C ALA B 80 -19.79 4.90 7.65
N PHE B 81 -20.93 4.21 7.63
CA PHE B 81 -21.75 3.96 8.82
C PHE B 81 -22.22 5.26 9.49
N GLY B 82 -22.59 6.24 8.69
CA GLY B 82 -23.02 7.51 9.21
C GLY B 82 -21.91 8.51 9.49
N LEU B 83 -20.65 8.08 9.45
CA LEU B 83 -19.53 8.98 9.70
C LEU B 83 -18.97 9.49 8.38
N LYS B 84 -18.86 10.81 8.25
CA LYS B 84 -18.10 11.42 7.17
C LYS B 84 -16.95 12.18 7.82
N ALA B 85 -15.72 11.78 7.53
CA ALA B 85 -14.62 12.26 8.34
C ALA B 85 -13.33 12.30 7.55
N ARG B 86 -12.42 13.17 8.01
CA ARG B 86 -11.05 13.16 7.54
C ARG B 86 -10.21 12.48 8.61
N LEU B 87 -9.25 11.66 8.18
CA LEU B 87 -8.40 10.88 9.07
C LEU B 87 -6.94 11.21 8.84
N THR B 88 -6.16 11.14 9.92
CA THR B 88 -4.71 11.31 9.87
C THR B 88 -4.09 10.37 10.89
N GLY B 89 -2.79 10.20 10.82
CA GLY B 89 -2.11 9.43 11.84
C GLY B 89 -1.06 8.52 11.26
N ASP B 90 -0.58 7.59 12.09
CA ASP B 90 0.55 6.74 11.77
C ASP B 90 0.34 5.41 12.45
N LEU B 91 0.58 4.32 11.72
CA LEU B 91 0.38 2.98 12.23
C LEU B 91 1.59 2.13 11.85
N ASN B 92 2.11 1.39 12.83
CA ASN B 92 3.06 0.33 12.55
C ASN B 92 2.22 -0.91 12.37
N VAL B 93 2.20 -1.41 11.13
CA VAL B 93 1.46 -2.61 10.73
C VAL B 93 2.46 -3.75 10.73
N VAL B 94 2.38 -4.63 11.72
CA VAL B 94 3.21 -5.83 11.78
C VAL B 94 2.34 -7.03 11.43
N GLN B 95 2.81 -7.85 10.51
CA GLN B 95 2.12 -9.08 10.17
C GLN B 95 3.12 -10.24 10.19
N ASP B 96 2.76 -11.27 10.94
CA ASP B 96 3.58 -12.46 11.04
C ASP B 96 2.65 -13.66 11.18
N LYS B 97 3.20 -14.76 11.72
CA LYS B 97 2.48 -16.03 11.75
C LYS B 97 1.29 -15.98 12.70
N GLN B 98 1.37 -15.23 13.79
CA GLN B 98 0.21 -15.15 14.69
C GLN B 98 -0.89 -14.28 14.07
N GLY B 99 -0.52 -13.23 13.37
CA GLY B 99 -1.54 -12.39 12.77
C GLY B 99 -1.10 -10.94 12.66
N LEU B 100 -2.12 -10.10 12.54
CA LEU B 100 -1.96 -8.68 12.25
C LEU B 100 -1.93 -7.88 13.55
N GLY B 101 -0.94 -7.01 13.66
CA GLY B 101 -0.81 -6.11 14.79
C GLY B 101 -0.76 -4.69 14.29
N LEU B 102 -1.37 -3.79 15.05
CA LEU B 102 -1.43 -2.38 14.71
C LEU B 102 -1.02 -1.61 15.94
N ASN B 103 -0.02 -0.77 15.81
CA ASN B 103 0.38 0.12 16.89
C ASN B 103 0.49 1.52 16.32
N GLY B 104 -0.12 2.46 16.99
CA GLY B 104 -0.07 3.85 16.61
C GLY B 104 -1.41 4.49 16.88
N GLN B 105 -1.64 5.60 16.21
CA GLN B 105 -2.75 6.49 16.51
C GLN B 105 -3.40 6.91 15.21
N ILE B 106 -4.72 6.82 15.14
CA ILE B 106 -5.50 7.42 14.06
C ILE B 106 -6.34 8.54 14.65
N ASN B 107 -6.25 9.71 14.03
CA ASN B 107 -6.94 10.90 14.52
C ASN B 107 -8.01 11.35 13.55
N ILE B 108 -9.04 11.99 14.10
CA ILE B 108 -10.15 12.48 13.29
C ILE B 108 -10.19 13.99 13.42
N PRO B 109 -9.41 14.72 12.62
CA PRO B 109 -9.39 16.18 12.77
C PRO B 109 -10.71 16.82 12.45
N GLU B 110 -11.50 16.23 11.57
CA GLU B 110 -12.82 16.79 11.28
C GLU B 110 -13.74 15.65 10.90
N GLY B 111 -15.00 15.79 11.30
CA GLY B 111 -15.94 14.74 10.94
C GLY B 111 -17.34 15.10 11.35
N ARG B 112 -18.27 14.37 10.78
CA ARG B 112 -19.66 14.59 11.09
C ARG B 112 -20.28 13.21 11.16
N PHE B 113 -21.06 12.96 12.21
CA PHE B 113 -21.83 11.74 12.28
C PHE B 113 -23.30 12.11 12.15
N HIS B 114 -23.93 11.63 11.09
CA HIS B 114 -25.33 11.92 10.81
C HIS B 114 -26.03 10.60 10.54
N ALA B 115 -26.81 10.13 11.53
CA ALA B 115 -27.47 8.82 11.54
C ALA B 115 -28.34 8.67 12.78
N TYR B 116 -29.42 7.88 12.70
CA TYR B 116 -30.29 7.57 13.86
C TYR B 116 -30.88 8.82 14.50
N GLY B 117 -31.24 9.80 13.67
CA GLY B 117 -31.83 11.01 14.19
C GLY B 117 -30.83 11.97 14.78
N GLN B 118 -29.54 11.66 14.74
CA GLN B 118 -28.54 12.48 15.40
C GLN B 118 -27.65 13.14 14.35
N ASP B 119 -27.34 14.43 14.55
CA ASP B 119 -26.42 15.19 13.69
C ASP B 119 -25.37 15.82 14.59
N LEU B 120 -24.16 15.28 14.55
CA LEU B 120 -23.09 15.64 15.47
C LEU B 120 -21.82 16.00 14.71
N ILE B 121 -21.12 16.99 15.24
CA ILE B 121 -19.83 17.41 14.71
C ILE B 121 -18.75 16.89 15.63
N VAL B 122 -17.78 16.18 15.07
CA VAL B 122 -16.69 15.63 15.87
C VAL B 122 -15.80 16.78 16.30
N ARG B 123 -15.64 16.96 17.60
CA ARG B 123 -14.70 17.96 18.11
C ARG B 123 -13.34 17.35 18.39
N LYS B 124 -13.31 16.07 18.74
CA LYS B 124 -12.05 15.39 19.01
C LYS B 124 -12.25 13.92 18.69
N GLY B 125 -11.22 13.33 18.10
CA GLY B 125 -11.33 11.94 17.71
C GLY B 125 -9.96 11.30 17.64
N GLU B 126 -9.76 10.30 18.47
CA GLU B 126 -8.53 9.56 18.48
C GLU B 126 -8.79 8.09 18.69
N LEU B 127 -8.04 7.26 17.98
CA LEU B 127 -8.10 5.83 18.16
C LEU B 127 -6.66 5.44 18.43
N LEU B 128 -6.42 4.80 19.56
CA LEU B 128 -5.06 4.43 19.87
C LEU B 128 -4.97 2.92 19.74
N PHE B 129 -4.13 2.46 18.84
CA PHE B 129 -3.98 1.02 18.64
C PHE B 129 -2.72 0.55 19.37
N SER B 130 -2.84 -0.62 20.01
CA SER B 130 -1.76 -1.16 20.84
C SER B 130 -1.50 -2.61 20.52
N GLY B 131 -1.89 -3.07 19.32
CA GLY B 131 -1.71 -4.44 18.91
C GLY B 131 -2.95 -5.00 18.21
N PRO B 132 -3.98 -5.35 18.98
CA PRO B 132 -5.18 -5.95 18.40
C PRO B 132 -5.88 -4.97 17.49
N PRO B 133 -6.08 -5.32 16.22
CA PRO B 133 -6.65 -4.34 15.28
C PRO B 133 -8.08 -3.98 15.60
N ASP B 134 -8.84 -4.88 16.22
CA ASP B 134 -10.26 -4.65 16.48
C ASP B 134 -10.51 -4.14 17.90
N GLN B 135 -9.48 -3.62 18.54
CA GLN B 135 -9.61 -3.19 19.92
C GLN B 135 -8.76 -1.94 20.21
N PRO B 136 -8.90 -0.86 19.44
CA PRO B 136 -8.23 0.39 19.80
C PRO B 136 -8.91 1.01 21.00
N TYR B 137 -8.17 1.90 21.66
CA TYR B 137 -8.71 2.73 22.71
C TYR B 137 -9.34 3.97 22.08
N LEU B 138 -10.59 4.27 22.42
CA LEU B 138 -11.30 5.36 21.79
C LEU B 138 -11.25 6.58 22.68
N ASN B 139 -11.13 7.73 22.06
CA ASN B 139 -11.34 8.95 22.82
C ASN B 139 -11.98 9.92 21.84
N ILE B 140 -13.30 10.01 21.87
CA ILE B 140 -14.04 10.72 20.84
C ILE B 140 -15.05 11.62 21.49
N GLU B 141 -15.12 12.87 21.00
CA GLU B 141 -16.08 13.85 21.50
C GLU B 141 -16.81 14.47 20.32
N ALA B 142 -18.11 14.64 20.47
CA ALA B 142 -18.94 15.20 19.42
C ALA B 142 -20.05 16.01 20.06
N ILE B 143 -20.48 17.06 19.33
CA ILE B 143 -21.48 18.02 19.79
C ILE B 143 -22.56 18.20 18.73
N ARG B 144 -23.75 18.61 19.19
CA ARG B 144 -24.85 18.83 18.27
C ARG B 144 -24.39 19.72 17.13
N ASN B 145 -24.89 19.43 15.93
CA ASN B 145 -24.71 20.34 14.81
C ASN B 145 -25.70 21.48 15.00
N PRO B 146 -25.25 22.73 15.12
CA PRO B 146 -26.21 23.83 15.39
C PRO B 146 -27.09 24.12 14.20
N ASP B 147 -26.77 23.55 13.04
CA ASP B 147 -27.54 23.62 11.81
C ASP B 147 -28.45 22.40 11.66
N ALA B 148 -28.45 21.50 12.64
CA ALA B 148 -29.21 20.27 12.52
C ALA B 148 -30.70 20.57 12.36
N THR B 149 -31.36 19.73 11.57
CA THR B 149 -32.78 19.89 11.27
C THR B 149 -33.63 18.99 12.14
N GLU B 150 -33.07 17.88 12.58
CA GLU B 150 -33.78 17.00 13.49
C GLU B 150 -33.90 17.66 14.85
N ASP B 151 -34.95 17.33 15.56
CA ASP B 151 -35.03 17.73 16.95
C ASP B 151 -34.66 16.56 17.85
N ASP B 152 -34.42 16.88 19.12
CA ASP B 152 -33.98 15.88 20.10
C ASP B 152 -32.62 15.30 19.73
N VAL B 153 -31.70 16.17 19.31
CA VAL B 153 -30.33 15.79 19.00
C VAL B 153 -29.53 16.15 20.24
N ILE B 154 -28.76 15.19 20.74
CA ILE B 154 -28.13 15.36 22.04
C ILE B 154 -27.10 16.49 21.96
N ALA B 155 -27.00 17.26 23.04
CA ALA B 155 -26.06 18.38 23.02
C ALA B 155 -24.62 17.94 22.80
N GLY B 156 -24.22 16.79 23.35
CA GLY B 156 -22.87 16.29 23.14
C GLY B 156 -22.69 14.88 23.67
N VAL B 157 -21.67 14.19 23.17
CA VAL B 157 -21.37 12.85 23.67
C VAL B 157 -19.88 12.68 23.70
N ARG B 158 -19.41 11.86 24.65
CA ARG B 158 -18.02 11.45 24.62
C ARG B 158 -17.97 9.94 24.77
N VAL B 159 -17.22 9.27 23.90
CA VAL B 159 -17.03 7.83 23.93
C VAL B 159 -15.56 7.57 24.24
N THR B 160 -15.28 6.78 25.26
CA THR B 160 -13.91 6.48 25.66
C THR B 160 -13.80 4.98 25.96
N GLY B 161 -12.56 4.48 25.94
CA GLY B 161 -12.27 3.12 26.36
C GLY B 161 -11.99 2.22 25.17
N LEU B 162 -11.62 0.98 25.48
CA LEU B 162 -11.41 -0.01 24.43
C LEU B 162 -12.68 -0.23 23.64
N ALA B 163 -12.56 -0.42 22.34
CA ALA B 163 -13.71 -0.39 21.48
C ALA B 163 -14.74 -1.47 21.83
N ASP B 164 -14.35 -2.55 22.51
CA ASP B 164 -15.35 -3.54 22.91
C ASP B 164 -15.79 -3.39 24.36
N GLU B 165 -15.22 -2.42 25.10
CA GLU B 165 -15.63 -2.14 26.47
C GLU B 165 -15.93 -0.66 26.56
N PRO B 166 -16.70 -0.07 25.65
CA PRO B 166 -16.64 1.39 25.57
C PRO B 166 -17.49 2.00 26.68
N LYS B 167 -17.27 3.29 26.91
CA LYS B 167 -18.13 4.01 27.83
C LYS B 167 -18.57 5.26 27.11
N ALA B 168 -19.82 5.66 27.31
CA ALA B 168 -20.32 6.84 26.64
C ALA B 168 -20.94 7.78 27.66
N GLU B 169 -20.61 9.06 27.56
CA GLU B 169 -21.17 10.10 28.41
C GLU B 169 -22.04 10.99 27.53
N ILE B 170 -23.26 11.22 27.94
CA ILE B 170 -24.19 12.01 27.16
C ILE B 170 -24.55 13.25 27.95
N PHE B 171 -24.32 14.43 27.37
CA PHE B 171 -24.48 15.70 28.05
C PHE B 171 -25.72 16.43 27.59
N SER B 172 -26.30 17.19 28.52
CA SER B 172 -27.45 18.05 28.35
C SER B 172 -27.01 19.47 28.00
N ASP B 173 -27.95 20.24 27.41
CA ASP B 173 -27.62 21.64 27.16
C ASP B 173 -27.82 22.42 28.45
N PRO B 174 -26.83 23.23 28.85
CA PRO B 174 -26.84 24.00 30.10
C PRO B 174 -28.03 24.98 30.24
#